data_3O29
#
_entry.id   3O29
#
_cell.length_a   64.127
_cell.length_b   88.518
_cell.length_c   47.336
_cell.angle_alpha   90.00
_cell.angle_beta   90.00
_cell.angle_gamma   90.00
#
_symmetry.space_group_name_H-M   'P 21 21 2'
#
loop_
_entity.id
_entity.type
_entity.pdbx_description
1 polymer 'Glutamate receptor 2'
2 non-polymer 'GLUTAMIC ACID'
3 non-polymer 'SULFATE ION'
4 non-polymer GLYCEROL
5 non-polymer N-[2-(dimethylamino)ethyl]-2-({[3-(trifluoromethyl)-4,5,6,7-tetrahydro-1H-indazol-1-yl]acetyl}amino)-4,5,6,7-tetrahydro-1-benzothiophene-3-carboxamide
6 water water
#
_entity_poly.entity_id   1
_entity_poly.type   'polypeptide(L)'
_entity_poly.pdbx_seq_one_letter_code
;GANKTVVVTTILESPYVMMKKNHEMLEGNERYEGYCVDLAAEIAKHCGFKYKLTIVGDGKYGARDADTKIWNGMVGELVY
GKADIAIAPLTITLVREEVIDFSKPFMSLGISIMIKKGTPIESAEDLSKQTEIAYGTLDSGSTKEFFRRSKIAVFDKMWT
YMRSAEPSVFVRTTAEGVARVRKSKGKYAYLLESTMNEYIEQRKPCDTMKVGGNLDSKGYGIATPKGSSLGTPVNLAVLK
LSEQGVLDKLKNKWWYDKGECGA
;
_entity_poly.pdbx_strand_id   A
#
loop_
_chem_comp.id
_chem_comp.type
_chem_comp.name
_chem_comp.formula
GOL non-polymer GLYCEROL 'C3 H8 O3'
O29 non-polymer N-[2-(dimethylamino)ethyl]-2-({[3-(trifluoromethyl)-4,5,6,7-tetrahydro-1H-indazol-1-yl]acetyl}amino)-4,5,6,7-tetrahydro-1-benzothiophene-3-carboxamide 'C23 H30 F3 N5 O2 S'
SO4 non-polymer 'SULFATE ION' 'O4 S -2'
#
# COMPACT_ATOMS: atom_id res chain seq x y z
N GLY A 1 13.02 17.71 25.06
CA GLY A 1 12.79 17.41 26.52
C GLY A 1 11.76 16.32 26.78
N ALA A 2 10.60 16.69 27.34
CA ALA A 2 9.52 15.75 27.69
C ALA A 2 9.01 14.90 26.51
N ASN A 3 9.21 13.59 26.60
CA ASN A 3 8.58 12.68 25.64
C ASN A 3 7.09 12.98 25.51
N LYS A 4 6.59 12.82 24.30
CA LYS A 4 5.21 13.11 24.00
C LYS A 4 4.60 11.92 23.24
N THR A 5 3.27 11.90 23.14
CA THR A 5 2.57 10.84 22.41
C THR A 5 2.87 11.01 20.92
N VAL A 6 3.45 9.98 20.33
CA VAL A 6 3.78 9.96 18.89
C VAL A 6 2.50 9.86 18.03
N VAL A 7 2.31 10.79 17.09
CA VAL A 7 1.14 10.75 16.20
C VAL A 7 1.46 9.90 14.95
N VAL A 8 0.76 8.78 14.79
CA VAL A 8 1.04 7.84 13.71
C VAL A 8 0.00 8.10 12.66
N THR A 9 0.43 8.38 11.43
CA THR A 9 -0.47 8.37 10.27
C THR A 9 -0.44 6.99 9.59
N THR A 10 -1.62 6.55 9.15
CA THR A 10 -1.72 5.33 8.43
C THR A 10 -2.96 5.42 7.55
N ILE A 11 -3.28 4.32 6.87
CA ILE A 11 -4.35 4.33 5.87
C ILE A 11 -5.18 3.05 6.06
N LEU A 12 -6.49 3.15 5.77
CA LEU A 12 -7.35 1.97 5.86
C LEU A 12 -7.11 1.15 4.58
N GLU A 13 -6.38 0.04 4.71
CA GLU A 13 -6.03 -0.76 3.54
C GLU A 13 -5.88 -2.14 4.06
N SER A 14 -6.66 -3.09 3.51
CA SER A 14 -6.63 -4.47 4.04
C SER A 14 -5.42 -5.20 3.52
N PRO A 15 -4.79 -6.04 4.37
CA PRO A 15 -5.08 -6.27 5.80
C PRO A 15 -4.12 -5.53 6.79
N TYR A 16 -3.56 -4.40 6.36
CA TYR A 16 -2.61 -3.58 7.12
C TYR A 16 -3.33 -2.86 8.27
N VAL A 17 -4.40 -2.16 7.93
CA VAL A 17 -5.24 -1.45 8.92
C VAL A 17 -6.68 -1.49 8.48
N MET A 18 -7.51 -2.05 9.36
CA MET A 18 -8.96 -2.16 9.16
C MET A 18 -9.64 -1.84 10.46
N MET A 19 -10.85 -1.30 10.36
CA MET A 19 -11.73 -1.13 11.51
C MET A 19 -12.21 -2.49 11.92
N LYS A 20 -11.97 -2.83 13.18
CA LYS A 20 -12.68 -3.94 13.80
C LYS A 20 -14.20 -3.80 13.59
N LYS A 21 -14.86 -4.93 13.40
CA LYS A 21 -16.32 -5.02 13.27
C LYS A 21 -17.05 -4.20 14.37
N ASN A 22 -16.51 -4.26 15.58
CA ASN A 22 -17.08 -3.62 16.73
C ASN A 22 -16.45 -2.28 17.13
N HIS A 23 -15.80 -1.60 16.17
CA HIS A 23 -15.09 -0.34 16.43
C HIS A 23 -15.90 0.78 17.08
N GLU A 24 -17.20 0.88 16.78
CA GLU A 24 -18.02 1.88 17.41
C GLU A 24 -18.08 1.74 18.92
N MET A 25 -17.86 0.49 19.36
CA MET A 25 -17.80 0.11 20.77
C MET A 25 -16.45 0.46 21.42
N LEU A 26 -15.46 0.82 20.58
CA LEU A 26 -14.07 1.00 21.04
C LEU A 26 -13.54 2.41 20.93
N GLU A 27 -12.46 2.67 21.65
CA GLU A 27 -11.85 4.00 21.66
C GLU A 27 -10.38 3.89 21.23
N GLY A 28 -9.86 4.91 20.59
CA GLY A 28 -8.42 5.02 20.42
C GLY A 28 -7.88 3.94 19.49
N ASN A 29 -6.65 3.53 19.78
CA ASN A 29 -5.93 2.52 19.01
C ASN A 29 -6.68 1.18 18.93
N GLU A 30 -7.52 0.87 19.94
CA GLU A 30 -8.27 -0.40 19.94
C GLU A 30 -9.36 -0.50 18.84
N ARG A 31 -9.71 0.60 18.17
CA ARG A 31 -10.66 0.56 17.04
C ARG A 31 -10.17 -0.22 15.82
N TYR A 32 -8.84 -0.37 15.69
CA TYR A 32 -8.20 -0.88 14.45
C TYR A 32 -7.49 -2.21 14.67
N GLU A 33 -7.42 -3.03 13.62
CA GLU A 33 -6.60 -4.26 13.61
C GLU A 33 -5.88 -4.41 12.30
N GLY A 34 -4.85 -5.25 12.27
CA GLY A 34 -4.18 -5.47 11.02
C GLY A 34 -2.69 -5.61 11.21
N TYR A 35 -2.00 -5.89 10.09
CA TYR A 35 -0.55 -6.01 10.05
C TYR A 35 0.16 -4.76 10.56
N CYS A 36 -0.23 -3.58 10.06
CA CYS A 36 0.39 -2.34 10.54
C CYS A 36 -0.01 -1.88 11.96
N VAL A 37 -1.17 -2.32 12.44
CA VAL A 37 -1.59 -2.16 13.85
C VAL A 37 -0.62 -2.94 14.77
N ASP A 38 -0.39 -4.22 14.44
CA ASP A 38 0.55 -5.04 15.19
C ASP A 38 1.99 -4.51 15.15
N LEU A 39 2.37 -4.03 13.96
CA LEU A 39 3.68 -3.54 13.70
C LEU A 39 3.94 -2.25 14.46
N ALA A 40 2.96 -1.34 14.44
CA ALA A 40 3.00 -0.09 15.24
C ALA A 40 3.27 -0.48 16.70
N ALA A 41 2.60 -1.52 17.21
CA ALA A 41 2.73 -1.93 18.62
C ALA A 41 4.13 -2.45 18.92
N GLU A 42 4.68 -3.23 17.98
CA GLU A 42 6.05 -3.76 18.14
C GLU A 42 7.06 -2.66 18.07
N ILE A 43 6.92 -1.77 17.12
CA ILE A 43 7.88 -0.72 16.96
C ILE A 43 7.88 0.18 18.22
N ALA A 44 6.70 0.58 18.65
CA ALA A 44 6.51 1.42 19.83
C ALA A 44 7.12 0.83 21.10
N LYS A 45 6.92 -0.47 21.28
CA LYS A 45 7.53 -1.26 22.35
C LYS A 45 9.07 -1.21 22.29
N HIS A 46 9.62 -1.50 21.11
CA HIS A 46 11.04 -1.50 20.95
C HIS A 46 11.66 -0.15 21.03
N CYS A 47 10.93 0.91 20.69
CA CYS A 47 11.51 2.25 20.76
C CYS A 47 11.17 3.05 22.03
N GLY A 48 10.28 2.52 22.86
CA GLY A 48 9.90 3.09 24.15
C GLY A 48 9.03 4.32 24.05
N PHE A 49 8.08 4.32 23.11
CA PHE A 49 7.18 5.45 22.92
C PHE A 49 5.68 5.06 22.99
N LYS A 50 4.88 6.05 23.41
CA LYS A 50 3.43 5.99 23.46
C LYS A 50 2.94 6.60 22.16
N TYR A 51 1.86 6.07 21.59
CA TYR A 51 1.49 6.52 20.26
C TYR A 51 -0.01 6.58 20.05
N LYS A 52 -0.41 7.43 19.13
CA LYS A 52 -1.81 7.51 18.71
C LYS A 52 -1.91 7.18 17.21
N LEU A 53 -2.70 6.17 16.85
CA LEU A 53 -3.00 5.91 15.44
C LEU A 53 -4.10 6.80 14.91
N THR A 54 -3.86 7.39 13.75
CA THR A 54 -4.83 8.22 13.09
C THR A 54 -4.87 7.87 11.62
N ILE A 55 -6.05 7.83 11.05
CA ILE A 55 -6.18 7.57 9.61
C ILE A 55 -5.95 8.84 8.78
N VAL A 56 -5.07 8.77 7.77
CA VAL A 56 -4.80 9.96 6.93
C VAL A 56 -6.14 10.60 6.46
N GLY A 57 -6.31 11.91 6.66
CA GLY A 57 -7.55 12.60 6.31
C GLY A 57 -8.08 12.41 4.88
N ASP A 58 -7.19 12.58 3.88
CA ASP A 58 -7.61 12.49 2.51
C ASP A 58 -7.59 11.05 1.98
N GLY A 59 -7.16 10.06 2.77
CA GLY A 59 -7.22 8.65 2.34
C GLY A 59 -6.27 8.25 1.22
N LYS A 60 -5.20 9.03 1.07
CA LYS A 60 -4.19 8.87 0.01
C LYS A 60 -2.82 8.46 0.56
N TYR A 61 -2.00 7.84 -0.29
CA TYR A 61 -0.64 7.44 0.07
C TYR A 61 0.29 8.67 0.06
N GLY A 62 0.33 9.38 -1.06
CA GLY A 62 1.16 10.55 -1.18
C GLY A 62 1.71 10.80 -2.55
N ALA A 63 1.35 11.96 -3.10
CA ALA A 63 1.83 12.44 -4.38
C ALA A 63 1.93 13.95 -4.27
N ARG A 64 2.91 14.53 -4.96
CA ARG A 64 3.02 15.98 -5.05
C ARG A 64 2.26 16.55 -6.27
N ASP A 65 1.34 17.47 -6.03
CA ASP A 65 0.62 18.19 -7.11
C ASP A 65 1.58 18.98 -7.98
N ALA A 66 1.56 18.77 -9.30
CA ALA A 66 2.61 19.31 -10.20
C ALA A 66 2.63 20.85 -10.32
N ASP A 67 1.49 21.45 -10.04
CA ASP A 67 1.33 22.90 -10.09
C ASP A 67 1.55 23.59 -8.73
N THR A 68 0.81 23.13 -7.71
CA THR A 68 0.96 23.67 -6.35
C THR A 68 2.25 23.18 -5.66
N LYS A 69 2.71 22.01 -6.09
CA LYS A 69 3.82 21.27 -5.48
C LYS A 69 3.53 20.87 -4.01
N ILE A 70 2.25 20.86 -3.64
CA ILE A 70 1.82 20.42 -2.33
C ILE A 70 1.68 18.87 -2.27
N TRP A 71 2.25 18.27 -1.22
CA TRP A 71 2.14 16.84 -1.00
C TRP A 71 0.82 16.53 -0.35
N ASN A 72 0.12 15.51 -0.86
CA ASN A 72 -1.06 15.01 -0.19
C ASN A 72 -0.75 13.68 0.54
N GLY A 73 -1.77 13.08 1.12
CA GLY A 73 -1.71 11.75 1.73
C GLY A 73 -0.83 11.70 2.96
N MET A 74 -0.34 10.51 3.26
CA MET A 74 0.47 10.33 4.44
C MET A 74 1.78 11.05 4.29
N VAL A 75 2.29 11.13 3.05
CA VAL A 75 3.58 11.82 2.84
C VAL A 75 3.38 13.30 3.23
N GLY A 76 2.28 13.89 2.78
CA GLY A 76 2.04 15.31 3.02
C GLY A 76 1.88 15.54 4.50
N GLU A 77 1.27 14.56 5.18
CA GLU A 77 1.17 14.61 6.64
C GLU A 77 2.49 14.64 7.43
N LEU A 78 3.46 13.84 6.99
CA LEU A 78 4.83 13.95 7.51
C LEU A 78 5.50 15.29 7.15
N VAL A 79 5.40 15.65 5.89
CA VAL A 79 6.06 16.86 5.37
C VAL A 79 5.57 18.14 6.07
N TYR A 80 4.25 18.27 6.27
CA TYR A 80 3.69 19.46 6.92
C TYR A 80 3.58 19.42 8.43
N GLY A 81 4.09 18.37 9.06
CA GLY A 81 4.26 18.30 10.50
C GLY A 81 2.99 17.87 11.20
N LYS A 82 2.08 17.25 10.47
CA LYS A 82 0.79 16.82 11.01
C LYS A 82 0.85 15.47 11.73
N ALA A 83 1.85 14.67 11.34
CA ALA A 83 2.08 13.36 11.94
C ALA A 83 3.58 13.22 12.18
N ASP A 84 3.92 12.37 13.14
CA ASP A 84 5.33 12.11 13.52
C ASP A 84 5.95 10.90 12.82
N ILE A 85 5.10 10.00 12.35
CA ILE A 85 5.54 8.74 11.77
C ILE A 85 4.38 8.18 10.95
N ALA A 86 4.71 7.61 9.80
CA ALA A 86 3.77 6.80 8.98
C ALA A 86 4.10 5.35 9.13
N ILE A 87 3.14 4.55 9.54
CA ILE A 87 3.34 3.08 9.67
C ILE A 87 2.24 2.42 8.81
N ALA A 88 2.57 2.16 7.55
CA ALA A 88 1.62 1.76 6.55
C ALA A 88 2.36 1.09 5.34
N PRO A 89 1.60 0.50 4.41
CA PRO A 89 2.12 -0.01 3.15
C PRO A 89 2.61 1.09 2.20
N LEU A 90 3.62 1.84 2.65
CA LEU A 90 4.07 3.03 1.95
C LEU A 90 5.37 2.74 1.21
N THR A 91 5.27 2.74 -0.10
CA THR A 91 6.38 2.34 -0.95
C THR A 91 7.52 3.35 -0.93
N ILE A 92 8.75 2.82 -0.77
CA ILE A 92 10.03 3.56 -0.86
C ILE A 92 10.27 3.92 -2.33
N THR A 93 10.36 5.24 -2.60
CA THR A 93 10.54 5.75 -3.97
C THR A 93 11.53 6.89 -3.88
N LEU A 94 12.18 7.20 -5.01
CA LEU A 94 13.20 8.26 -5.06
C LEU A 94 12.64 9.62 -4.60
N VAL A 95 11.51 10.01 -5.17
CA VAL A 95 10.90 11.33 -4.94
C VAL A 95 10.46 11.51 -3.51
N ARG A 96 9.95 10.43 -2.90
CA ARG A 96 9.61 10.45 -1.48
C ARG A 96 10.86 10.43 -0.59
N GLU A 97 11.88 9.65 -0.94
CA GLU A 97 13.12 9.57 -0.14
C GLU A 97 13.83 10.92 0.02
N GLU A 98 13.70 11.76 -1.00
CA GLU A 98 14.17 13.13 -0.96
C GLU A 98 13.48 14.03 0.07
N VAL A 99 12.25 13.70 0.49
CA VAL A 99 11.48 14.60 1.36
C VAL A 99 11.13 14.04 2.74
N ILE A 100 11.26 12.72 2.90
CA ILE A 100 11.06 12.05 4.18
C ILE A 100 12.15 11.01 4.33
N ASP A 101 12.36 10.61 5.58
CA ASP A 101 13.19 9.47 5.92
C ASP A 101 12.40 8.16 5.92
N PHE A 102 13.03 7.08 5.46
CA PHE A 102 12.40 5.73 5.39
C PHE A 102 13.29 4.78 6.13
N SER A 103 12.75 3.91 6.98
CA SER A 103 13.51 2.76 7.48
C SER A 103 13.89 1.84 6.31
N LYS A 104 14.80 0.89 6.56
CA LYS A 104 14.94 -0.27 5.70
C LYS A 104 13.55 -0.93 5.57
N PRO A 105 13.30 -1.64 4.44
CA PRO A 105 11.95 -2.19 4.20
C PRO A 105 11.54 -3.21 5.23
N PHE A 106 10.24 -3.24 5.50
CA PHE A 106 9.71 -4.21 6.45
C PHE A 106 8.89 -5.26 5.68
N MET A 107 8.59 -4.94 4.43
CA MET A 107 7.91 -5.89 3.55
C MET A 107 8.31 -5.63 2.09
N SER A 108 8.54 -6.69 1.30
CA SER A 108 8.81 -6.52 -0.14
C SER A 108 7.55 -6.63 -0.96
N LEU A 109 7.56 -6.03 -2.15
CA LEU A 109 6.43 -6.13 -3.08
C LEU A 109 6.90 -5.81 -4.48
N GLY A 110 6.12 -6.21 -5.48
CA GLY A 110 6.14 -5.56 -6.77
C GLY A 110 4.75 -5.29 -7.31
N ILE A 111 4.68 -4.40 -8.29
CA ILE A 111 3.47 -4.20 -9.07
C ILE A 111 3.08 -5.50 -9.74
N SER A 112 1.78 -5.81 -9.75
CA SER A 112 1.30 -7.09 -10.26
C SER A 112 -0.09 -6.91 -10.88
N ILE A 113 -0.62 -7.96 -11.51
CA ILE A 113 -1.90 -7.87 -12.23
C ILE A 113 -2.92 -8.73 -11.52
N MET A 114 -4.04 -8.13 -11.16
CA MET A 114 -5.20 -8.85 -10.69
C MET A 114 -6.25 -9.02 -11.77
N ILE A 115 -6.72 -10.27 -11.98
CA ILE A 115 -7.84 -10.55 -12.89
C ILE A 115 -9.02 -11.22 -12.19
N LYS A 116 -10.20 -11.02 -12.76
CA LYS A 116 -11.32 -11.90 -12.46
C LYS A 116 -10.94 -13.29 -13.02
N LYS A 117 -11.20 -14.35 -12.24
CA LYS A 117 -10.83 -15.70 -12.70
C LYS A 117 -11.33 -16.01 -14.13
N GLY A 118 -10.46 -16.63 -14.92
CA GLY A 118 -10.77 -17.00 -16.31
C GLY A 118 -10.46 -15.93 -17.34
N THR A 119 -10.09 -14.73 -16.90
CA THR A 119 -9.70 -13.67 -17.85
C THR A 119 -8.53 -14.11 -18.71
N PRO A 120 -8.65 -13.98 -20.06
CA PRO A 120 -7.55 -14.43 -20.91
C PRO A 120 -6.32 -13.46 -20.93
N ILE A 121 -5.71 -13.26 -19.78
CA ILE A 121 -4.53 -12.36 -19.62
C ILE A 121 -3.52 -13.07 -18.72
N GLU A 122 -2.27 -13.10 -19.16
CA GLU A 122 -1.21 -13.75 -18.41
C GLU A 122 -0.09 -12.80 -18.06
N SER A 123 0.00 -11.66 -18.74
CA SER A 123 1.12 -10.74 -18.55
C SER A 123 0.77 -9.30 -18.89
N ALA A 124 1.65 -8.36 -18.48
CA ALA A 124 1.52 -6.96 -18.88
C ALA A 124 1.57 -6.87 -20.38
N GLU A 125 2.38 -7.73 -20.98
CA GLU A 125 2.51 -7.73 -22.45
C GLU A 125 1.15 -8.04 -23.12
N ASP A 126 0.46 -9.10 -22.63
CA ASP A 126 -0.94 -9.37 -23.00
C ASP A 126 -1.86 -8.17 -22.84
N LEU A 127 -1.88 -7.56 -21.66
CA LEU A 127 -2.69 -6.37 -21.44
C LEU A 127 -2.43 -5.29 -22.54
N SER A 128 -1.16 -4.98 -22.80
CA SER A 128 -0.75 -3.88 -23.70
C SER A 128 -1.13 -4.08 -25.18
N LYS A 129 -1.30 -5.33 -25.60
CA LYS A 129 -1.58 -5.68 -27.00
C LYS A 129 -3.09 -5.85 -27.31
N GLN A 130 -3.96 -5.30 -26.45
CA GLN A 130 -5.40 -5.53 -26.60
C GLN A 130 -6.20 -4.41 -26.03
N THR A 131 -7.47 -4.39 -26.36
CA THR A 131 -8.29 -3.23 -26.06
C THR A 131 -9.61 -3.62 -25.38
N GLU A 132 -10.03 -4.88 -25.53
CA GLU A 132 -11.25 -5.41 -24.92
C GLU A 132 -11.31 -5.31 -23.38
N ILE A 133 -10.22 -5.70 -22.72
CA ILE A 133 -10.16 -5.63 -21.25
C ILE A 133 -9.48 -4.30 -20.88
N ALA A 134 -10.22 -3.46 -20.14
CA ALA A 134 -9.66 -2.22 -19.63
C ALA A 134 -8.74 -2.54 -18.47
N TYR A 135 -7.84 -1.61 -18.14
CA TYR A 135 -6.99 -1.76 -16.96
C TYR A 135 -6.50 -0.41 -16.49
N GLY A 136 -6.33 -0.27 -15.19
CA GLY A 136 -5.86 0.95 -14.58
C GLY A 136 -5.18 0.70 -13.25
N THR A 137 -5.04 1.75 -12.47
CA THR A 137 -4.28 1.72 -11.24
C THR A 137 -4.95 2.59 -10.19
N LEU A 138 -4.43 2.55 -8.96
CA LEU A 138 -4.78 3.50 -7.92
C LEU A 138 -4.26 4.92 -8.23
N ASP A 139 -5.03 5.95 -7.89
CA ASP A 139 -4.50 7.33 -7.87
C ASP A 139 -3.55 7.61 -6.69
N SER A 140 -2.64 8.56 -6.89
CA SER A 140 -1.90 9.18 -5.81
C SER A 140 -0.95 8.22 -5.06
N GLY A 141 -0.40 7.28 -5.81
CA GLY A 141 0.60 6.38 -5.24
C GLY A 141 1.65 5.92 -6.22
N SER A 142 2.50 5.00 -5.77
CA SER A 142 3.70 4.61 -6.47
C SER A 142 3.39 3.84 -7.76
N THR A 143 2.25 3.15 -7.81
CA THR A 143 1.94 2.37 -9.05
C THR A 143 1.66 3.23 -10.26
N LYS A 144 0.84 4.26 -10.06
CA LYS A 144 0.48 5.18 -11.15
C LYS A 144 1.73 5.85 -11.67
N GLU A 145 2.55 6.33 -10.74
CA GLU A 145 3.82 6.98 -11.04
C GLU A 145 4.80 6.06 -11.81
N PHE A 146 4.87 4.78 -11.40
CA PHE A 146 5.67 3.77 -12.14
C PHE A 146 5.37 3.80 -13.64
N PHE A 147 4.09 3.70 -13.98
CA PHE A 147 3.69 3.75 -15.37
C PHE A 147 3.93 5.10 -16.04
N ARG A 148 3.56 6.18 -15.36
CA ARG A 148 3.76 7.55 -15.86
C ARG A 148 5.24 7.83 -16.22
N ARG A 149 6.15 7.33 -15.39
CA ARG A 149 7.60 7.55 -15.57
C ARG A 149 8.40 6.54 -16.43
N SER A 150 7.79 5.40 -16.76
CA SER A 150 8.51 4.28 -17.36
C SER A 150 8.91 4.52 -18.81
N LYS A 151 10.17 4.24 -19.12
CA LYS A 151 10.72 4.24 -20.50
C LYS A 151 10.70 2.85 -21.16
N ILE A 152 10.29 1.83 -20.41
CA ILE A 152 10.16 0.46 -20.90
C ILE A 152 8.93 0.38 -21.80
N ALA A 153 9.11 -0.12 -23.02
CA ALA A 153 8.12 0.05 -24.06
C ALA A 153 6.75 -0.50 -23.70
N VAL A 154 6.72 -1.73 -23.16
CA VAL A 154 5.46 -2.35 -22.73
C VAL A 154 4.74 -1.41 -21.75
N PHE A 155 5.45 -0.86 -20.76
CA PHE A 155 4.84 -0.02 -19.72
C PHE A 155 4.47 1.40 -20.19
N ASP A 156 5.21 1.91 -21.18
CA ASP A 156 4.94 3.16 -21.89
C ASP A 156 3.65 2.95 -22.73
N LYS A 157 3.53 1.80 -23.39
CA LYS A 157 2.34 1.51 -24.18
C LYS A 157 1.11 1.53 -23.24
N MET A 158 1.22 0.80 -22.13
CA MET A 158 0.19 0.75 -21.07
C MET A 158 -0.18 2.11 -20.57
N TRP A 159 0.82 2.89 -20.12
CA TRP A 159 0.58 4.24 -19.65
C TRP A 159 -0.12 5.13 -20.71
N THR A 160 0.36 5.13 -21.95
CA THR A 160 -0.29 5.88 -23.04
C THR A 160 -1.81 5.57 -23.10
N TYR A 161 -2.15 4.28 -23.09
CA TYR A 161 -3.56 3.86 -23.05
C TYR A 161 -4.31 4.36 -21.78
N MET A 162 -3.82 4.03 -20.59
CA MET A 162 -4.52 4.37 -19.36
C MET A 162 -4.78 5.86 -19.15
N ARG A 163 -3.82 6.70 -19.51
CA ARG A 163 -3.94 8.13 -19.24
C ARG A 163 -5.05 8.78 -20.05
N SER A 164 -5.43 8.18 -21.17
CA SER A 164 -6.50 8.73 -22.05
C SER A 164 -7.74 7.83 -22.19
N ALA A 165 -7.80 6.72 -21.44
CA ALA A 165 -8.89 5.74 -21.57
C ALA A 165 -10.19 6.35 -21.07
N GLU A 166 -11.31 6.02 -21.71
CA GLU A 166 -12.65 6.50 -21.27
C GLU A 166 -13.63 5.35 -21.21
N PRO A 167 -14.41 5.26 -20.11
CA PRO A 167 -14.30 6.07 -18.88
C PRO A 167 -12.94 5.81 -18.20
N SER A 168 -12.67 6.55 -17.13
CA SER A 168 -11.38 6.47 -16.42
C SER A 168 -11.11 5.06 -15.97
N VAL A 169 -9.85 4.63 -16.12
CA VAL A 169 -9.43 3.34 -15.57
C VAL A 169 -8.90 3.50 -14.12
N PHE A 170 -8.79 4.75 -13.62
CA PHE A 170 -8.14 4.96 -12.30
C PHE A 170 -9.15 4.91 -11.19
N VAL A 171 -8.73 4.48 -10.00
CA VAL A 171 -9.67 4.33 -8.88
C VAL A 171 -9.07 5.06 -7.70
N ARG A 172 -9.93 5.44 -6.75
CA ARG A 172 -9.52 6.18 -5.55
C ARG A 172 -9.01 5.30 -4.37
N THR A 173 -9.45 4.05 -4.32
CA THR A 173 -8.99 3.13 -3.31
C THR A 173 -8.78 1.77 -3.92
N THR A 174 -7.96 0.95 -3.24
CA THR A 174 -7.82 -0.45 -3.59
C THR A 174 -9.17 -1.16 -3.64
N ALA A 175 -10.04 -0.93 -2.66
CA ALA A 175 -11.32 -1.63 -2.64
C ALA A 175 -12.15 -1.36 -3.88
N GLU A 176 -12.06 -0.14 -4.42
CA GLU A 176 -12.82 0.22 -5.63
C GLU A 176 -12.24 -0.52 -6.87
N GLY A 177 -10.91 -0.65 -6.94
CA GLY A 177 -10.24 -1.40 -8.02
C GLY A 177 -10.63 -2.88 -7.99
N VAL A 178 -10.62 -3.44 -6.80
CA VAL A 178 -11.07 -4.81 -6.60
C VAL A 178 -12.55 -5.01 -7.02
N ALA A 179 -13.39 -4.06 -6.64
CA ALA A 179 -14.83 -4.15 -6.89
C ALA A 179 -15.04 -4.06 -8.40
N ARG A 180 -14.25 -3.20 -9.02
CA ARG A 180 -14.34 -3.09 -10.46
C ARG A 180 -13.96 -4.39 -11.15
N VAL A 181 -12.90 -5.07 -10.67
CA VAL A 181 -12.52 -6.38 -11.23
C VAL A 181 -13.69 -7.36 -11.13
N ARG A 182 -14.25 -7.48 -9.92
CA ARG A 182 -15.31 -8.43 -9.64
C ARG A 182 -16.61 -8.18 -10.38
N LYS A 183 -16.89 -6.92 -10.67
CA LYS A 183 -18.21 -6.45 -11.12
C LYS A 183 -18.17 -6.26 -12.65
N SER A 184 -16.99 -6.41 -13.24
CA SER A 184 -16.78 -6.07 -14.65
C SER A 184 -16.75 -7.26 -15.59
N LYS A 185 -16.96 -8.46 -15.07
CA LYS A 185 -17.15 -9.66 -15.87
C LYS A 185 -15.93 -10.10 -16.69
N GLY A 186 -14.76 -9.83 -16.11
CA GLY A 186 -13.54 -10.13 -16.78
C GLY A 186 -13.09 -9.01 -17.69
N LYS A 187 -13.85 -7.91 -17.77
CA LYS A 187 -13.49 -6.83 -18.71
C LYS A 187 -12.71 -5.70 -18.07
N TYR A 188 -12.30 -5.88 -16.82
CA TYR A 188 -11.38 -4.94 -16.20
C TYR A 188 -10.26 -5.71 -15.48
N ALA A 189 -9.00 -5.29 -15.68
CA ALA A 189 -7.89 -5.86 -14.92
C ALA A 189 -7.29 -4.76 -14.05
N TYR A 190 -6.87 -5.12 -12.83
CA TYR A 190 -6.38 -4.12 -11.89
C TYR A 190 -4.86 -4.24 -11.64
N LEU A 191 -4.09 -3.15 -11.87
CA LEU A 191 -2.66 -3.13 -11.53
C LEU A 191 -2.44 -2.65 -10.08
N LEU A 192 -1.92 -3.53 -9.22
CA LEU A 192 -1.80 -3.22 -7.80
C LEU A 192 -0.62 -4.03 -7.28
N GLU A 193 -0.15 -3.68 -6.10
CA GLU A 193 1.02 -4.28 -5.51
C GLU A 193 0.73 -5.72 -5.08
N SER A 194 1.72 -6.58 -5.26
CA SER A 194 1.55 -8.02 -5.17
C SER A 194 1.04 -8.39 -3.78
N THR A 195 1.49 -7.66 -2.75
CA THR A 195 1.09 -7.89 -1.36
C THR A 195 -0.43 -7.83 -1.23
N MET A 196 -1.00 -6.75 -1.79
CA MET A 196 -2.43 -6.51 -1.76
C MET A 196 -3.21 -7.52 -2.59
N ASN A 197 -2.70 -7.77 -3.80
CA ASN A 197 -3.19 -8.80 -4.73
C ASN A 197 -3.28 -10.20 -4.09
N GLU A 198 -2.21 -10.59 -3.40
CA GLU A 198 -2.11 -11.90 -2.78
C GLU A 198 -3.03 -12.04 -1.60
N TYR A 199 -3.28 -10.94 -0.89
CA TYR A 199 -4.23 -10.94 0.23
C TYR A 199 -5.63 -11.18 -0.31
N ILE A 200 -6.04 -10.38 -1.27
CA ILE A 200 -7.40 -10.41 -1.85
C ILE A 200 -7.72 -11.79 -2.50
N GLU A 201 -6.72 -12.40 -3.11
CA GLU A 201 -6.83 -13.75 -3.71
C GLU A 201 -7.28 -14.79 -2.70
N GLN A 202 -6.97 -14.57 -1.41
CA GLN A 202 -7.34 -15.52 -0.36
C GLN A 202 -8.60 -15.08 0.44
N ARG A 203 -9.36 -14.13 -0.09
CA ARG A 203 -10.62 -13.68 0.52
C ARG A 203 -11.82 -14.09 -0.31
N LYS A 204 -12.91 -14.49 0.37
CA LYS A 204 -14.19 -14.72 -0.30
C LYS A 204 -14.62 -13.45 -1.01
N PRO A 205 -15.28 -13.55 -2.18
CA PRO A 205 -15.74 -14.73 -2.95
C PRO A 205 -14.72 -15.57 -3.71
N CYS A 206 -13.42 -15.33 -3.51
CA CYS A 206 -12.36 -16.13 -4.16
C CYS A 206 -12.52 -16.15 -5.67
N ASP A 207 -12.79 -14.97 -6.26
CA ASP A 207 -13.02 -14.84 -7.70
C ASP A 207 -11.93 -14.08 -8.47
N THR A 208 -10.84 -13.75 -7.78
CA THR A 208 -9.73 -13.02 -8.41
C THR A 208 -8.47 -13.84 -8.29
N MET A 209 -7.51 -13.50 -9.16
CA MET A 209 -6.22 -14.13 -9.21
C MET A 209 -5.13 -13.14 -9.56
N LYS A 210 -3.94 -13.38 -8.99
CA LYS A 210 -2.71 -12.73 -9.41
C LYS A 210 -2.13 -13.50 -10.60
N VAL A 211 -1.89 -12.81 -11.71
CA VAL A 211 -1.30 -13.50 -12.86
C VAL A 211 0.00 -12.93 -13.29
N GLY A 212 0.91 -13.84 -13.66
CA GLY A 212 2.21 -13.47 -14.18
C GLY A 212 3.14 -12.98 -13.06
N GLY A 213 4.33 -12.57 -13.47
CA GLY A 213 5.35 -12.09 -12.52
C GLY A 213 5.09 -10.63 -12.19
N ASN A 214 5.81 -10.15 -11.19
CA ASN A 214 5.73 -8.79 -10.74
C ASN A 214 6.46 -7.92 -11.72
N LEU A 215 5.98 -6.70 -11.93
CA LEU A 215 6.56 -5.83 -12.94
C LEU A 215 7.81 -5.14 -12.39
N ASP A 216 7.93 -5.08 -11.07
CA ASP A 216 9.08 -4.46 -10.45
C ASP A 216 9.38 -5.12 -9.12
N SER A 217 10.44 -4.68 -8.41
CA SER A 217 10.73 -5.22 -7.07
C SER A 217 11.16 -4.12 -6.14
N LYS A 218 10.48 -4.06 -4.99
CA LYS A 218 10.76 -2.98 -4.07
C LYS A 218 10.17 -3.30 -2.69
N GLY A 219 9.97 -2.28 -1.87
CA GLY A 219 9.51 -2.49 -0.50
C GLY A 219 8.79 -1.31 0.16
N TYR A 220 8.13 -1.60 1.30
CA TYR A 220 7.53 -0.61 2.18
C TYR A 220 8.51 -0.26 3.29
N GLY A 221 8.58 1.01 3.63
CA GLY A 221 9.43 1.41 4.72
C GLY A 221 8.55 2.22 5.64
N ILE A 222 8.94 2.27 6.92
CA ILE A 222 8.30 3.18 7.90
C ILE A 222 8.90 4.59 7.68
N ALA A 223 8.05 5.61 7.51
CA ALA A 223 8.54 6.94 7.12
C ALA A 223 8.43 7.87 8.32
N THR A 224 9.39 8.77 8.39
CA THR A 224 9.40 9.80 9.44
C THR A 224 9.70 11.08 8.69
N PRO A 225 9.40 12.23 9.35
CA PRO A 225 9.76 13.50 8.76
C PRO A 225 11.27 13.59 8.67
N LYS A 226 11.78 14.30 7.67
CA LYS A 226 13.19 14.27 7.37
C LYS A 226 14.06 14.81 8.51
N GLY A 227 15.02 14.01 9.01
CA GLY A 227 15.85 14.44 10.15
C GLY A 227 15.26 14.18 11.53
N SER A 228 14.06 13.61 11.58
CA SER A 228 13.46 13.25 12.88
C SER A 228 14.36 12.28 13.64
N SER A 229 14.42 12.45 14.96
CA SER A 229 15.25 11.61 15.80
C SER A 229 14.58 10.25 16.03
N LEU A 230 13.33 10.13 15.60
CA LEU A 230 12.67 8.82 15.56
C LEU A 230 13.25 7.85 14.55
N GLY A 231 13.87 8.36 13.48
CA GLY A 231 14.27 7.51 12.35
C GLY A 231 15.24 6.39 12.69
N THR A 232 16.32 6.75 13.36
CA THR A 232 17.31 5.75 13.82
C THR A 232 16.75 4.60 14.68
N PRO A 233 16.16 4.91 15.86
CA PRO A 233 15.61 3.74 16.63
C PRO A 233 14.53 2.91 15.86
N VAL A 234 13.71 3.57 15.08
CA VAL A 234 12.68 2.90 14.28
C VAL A 234 13.31 1.91 13.26
N ASN A 235 14.34 2.35 12.54
CA ASN A 235 15.08 1.50 11.58
C ASN A 235 15.69 0.26 12.24
N LEU A 236 16.35 0.46 13.40
CA LEU A 236 16.93 -0.62 14.21
C LEU A 236 15.83 -1.58 14.68
N ALA A 237 14.69 -1.04 15.09
CA ALA A 237 13.53 -1.88 15.45
C ALA A 237 13.04 -2.74 14.26
N VAL A 238 12.93 -2.18 13.06
CA VAL A 238 12.50 -2.95 11.86
C VAL A 238 13.47 -4.10 11.59
N LEU A 239 14.78 -3.82 11.72
CA LEU A 239 15.81 -4.86 11.51
C LEU A 239 15.78 -5.96 12.56
N LYS A 240 15.60 -5.54 13.81
CA LYS A 240 15.43 -6.47 14.89
C LYS A 240 14.19 -7.36 14.64
N LEU A 241 13.04 -6.77 14.34
CA LEU A 241 11.77 -7.53 14.13
C LEU A 241 11.90 -8.46 12.92
N SER A 242 12.60 -7.98 11.92
CA SER A 242 12.94 -8.82 10.79
C SER A 242 13.72 -10.04 11.21
N GLU A 243 14.80 -9.79 11.93
CA GLU A 243 15.74 -10.84 12.27
C GLU A 243 15.13 -11.82 13.32
N GLN A 244 14.15 -11.39 14.09
CA GLN A 244 13.44 -12.27 15.02
C GLN A 244 12.32 -13.06 14.35
N GLY A 245 12.07 -12.79 13.08
CA GLY A 245 10.99 -13.50 12.36
C GLY A 245 9.61 -13.00 12.73
N VAL A 246 9.57 -11.87 13.44
CA VAL A 246 8.31 -11.22 13.81
C VAL A 246 7.59 -10.73 12.56
N LEU A 247 8.35 -10.18 11.61
CA LEU A 247 7.74 -9.74 10.38
C LEU A 247 7.15 -10.90 9.61
N ASP A 248 7.82 -12.04 9.59
CA ASP A 248 7.26 -13.23 8.93
C ASP A 248 6.01 -13.73 9.61
N LYS A 249 6.05 -13.81 10.94
CA LYS A 249 4.89 -14.16 11.74
C LYS A 249 3.64 -13.31 11.48
N LEU A 250 3.83 -11.98 11.41
CA LEU A 250 2.73 -11.02 11.15
C LEU A 250 2.18 -11.19 9.75
N LYS A 251 3.07 -11.47 8.79
CA LYS A 251 2.61 -11.70 7.42
C LYS A 251 1.74 -12.96 7.30
N ASN A 252 2.20 -14.07 7.83
CA ASN A 252 1.41 -15.29 7.98
C ASN A 252 0.07 -15.10 8.72
N LYS A 253 0.08 -14.40 9.85
CA LYS A 253 -1.15 -14.07 10.58
C LYS A 253 -2.25 -13.42 9.68
N TRP A 254 -1.88 -12.36 8.95
CA TRP A 254 -2.80 -11.49 8.24
C TRP A 254 -3.12 -11.86 6.78
N TRP A 255 -2.27 -12.70 6.18
CA TRP A 255 -2.46 -13.15 4.80
C TRP A 255 -3.04 -14.55 4.74
N TYR A 256 -2.41 -15.47 5.46
CA TYR A 256 -2.55 -16.86 5.11
C TYR A 256 -3.29 -17.63 6.17
N ASP A 257 -3.05 -17.30 7.45
CA ASP A 257 -3.90 -17.76 8.54
C ASP A 257 -5.32 -17.24 8.35
N LYS A 258 -5.45 -16.01 7.87
CA LYS A 258 -6.77 -15.49 7.54
C LYS A 258 -7.37 -16.03 6.19
N GLY A 259 -6.61 -16.82 5.43
CA GLY A 259 -7.08 -17.40 4.18
C GLY A 259 -8.47 -18.05 4.20
N GLU A 260 -9.33 -17.62 3.26
CA GLU A 260 -10.73 -18.10 3.09
C GLU A 260 -11.02 -19.00 1.86
N CYS A 261 -10.00 -19.34 1.09
CA CYS A 261 -10.20 -19.90 -0.22
C CYS A 261 -9.52 -21.26 -0.29
N GLY A 262 -9.30 -21.89 0.87
CA GLY A 262 -8.55 -23.15 0.96
C GLY A 262 -7.17 -23.06 1.65
N ALA A 263 -6.54 -24.24 1.85
CA ALA A 263 -5.16 -24.33 2.35
C ALA A 263 -4.15 -23.63 1.44
N GLU B . 2.02 1.41 -1.66
CA GLU B . 1.62 2.43 -2.66
C GLU B . 2.19 3.80 -2.34
O GLU B . 1.93 4.79 -3.07
CB GLU B . 0.09 2.52 -2.78
CG GLU B . -0.61 1.41 -3.64
CD GLU B . -0.30 1.50 -5.11
OE1 GLU B . -0.55 0.49 -5.78
OE2 GLU B . 0.16 2.55 -5.65
OXT GLU B . 2.86 3.94 -1.29
S SO4 C . -14.51 7.13 17.21
O1 SO4 C . -14.84 8.53 17.51
O2 SO4 C . -13.71 6.63 18.33
O3 SO4 C . -13.75 7.10 15.95
O4 SO4 C . -15.74 6.34 17.05
S SO4 D . -1.57 11.15 -9.33
O1 SO4 D . -1.18 12.36 -8.57
O2 SO4 D . -2.73 10.62 -8.62
O3 SO4 D . -0.44 10.21 -9.36
O4 SO4 D . -1.98 11.38 -10.71
C1 GOL E . 5.11 7.87 -5.39
O1 GOL E . 6.47 8.20 -5.28
C2 GOL E . 4.29 9.16 -5.37
O2 GOL E . 4.88 10.05 -4.44
C3 GOL E . 4.40 9.77 -6.76
O3 GOL E . 3.24 10.52 -7.01
C1 GOL F . 16.17 7.70 5.68
O1 GOL F . 15.75 7.70 4.36
C2 GOL F . 17.58 7.19 5.80
O2 GOL F . 18.35 7.93 4.86
C3 GOL F . 17.93 7.53 7.25
O3 GOL F . 16.81 7.23 8.10
C1 GOL G . 1.63 12.54 -19.27
O1 GOL G . 2.11 11.29 -19.70
C2 GOL G . 1.11 12.35 -17.86
O2 GOL G . 1.87 13.15 -16.98
C3 GOL G . -0.36 12.74 -17.76
O3 GOL G . -0.76 12.70 -16.41
C1 GOL H . 9.50 -15.64 2.80
O1 GOL H . 10.44 -16.06 1.83
C2 GOL H . 9.54 -16.52 4.07
O2 GOL H . 9.55 -17.90 3.75
C3 GOL H . 10.73 -16.18 4.95
O3 GOL H . 10.87 -14.79 5.02
O1 O29 I . 11.31 -6.88 2.64
C2 O29 I . 12.06 -7.15 3.58
N3 O29 I . 11.61 -7.93 4.57
C4 O29 I . 13.48 -6.72 3.57
C5 O29 I . 14.45 -6.72 4.71
C6 O29 I . 14.27 -7.08 6.15
C7 O29 I . 15.77 -6.23 4.25
C8 O29 I . 17.06 -6.06 5.03
C9 O29 I . 16.77 -6.72 6.37
C10 O29 I . 15.38 -6.32 6.88
S11 O29 I . 15.83 -5.83 2.57
C12 O29 I . 14.17 -6.26 2.34
N13 O29 I . 13.49 -6.17 1.15
C14 O29 I . 14.03 -5.77 0.01
O15 O29 I . 15.18 -5.44 -0.11
C16 O29 I . 13.12 -5.71 -1.18
N17 O29 I . 13.51 -4.49 -1.90
N18 O29 I . 13.18 -3.26 -1.29
C19 O29 I . 13.64 -2.26 -2.08
C20 O29 I . 13.41 -0.80 -1.65
F21 O29 I . 12.28 -0.25 -2.03
F22 O29 I . 14.37 -0.04 -2.12
F23 O29 I . 13.47 -0.70 -0.35
C24 O29 I . 14.19 -4.34 -3.05
C25 O29 I . 14.32 -2.88 -3.26
C26 O29 I . 15.01 -2.28 -4.45
C27 O29 I . 14.73 -5.40 -3.98
C28 O29 I . 15.17 -4.74 -5.30
C29 O29 I . 15.86 -3.38 -5.11
C30 O29 I . 10.74 -9.05 4.28
C31 O29 I . 9.71 -9.04 5.39
N32 O29 I . 9.31 -10.42 5.66
C33 O29 I . 9.68 -10.74 7.04
C34 O29 I . 7.86 -10.54 5.50
#